data_1T5C
#
_entry.id   1T5C
#
_cell.length_a   49.353
_cell.length_b   83.700
_cell.length_c   94.162
_cell.angle_alpha   90.00
_cell.angle_beta   103.05
_cell.angle_gamma   90.00
#
_symmetry.space_group_name_H-M   'P 1 21 1'
#
loop_
_entity.id
_entity.type
_entity.pdbx_description
1 polymer 'Centromeric protein E'
2 non-polymer 'MAGNESIUM ION'
3 non-polymer 'NITRATE ION'
4 non-polymer "ADENOSINE-5'-DIPHOSPHATE"
5 non-polymer "PIPERAZINE-N,N'-BIS(2-ETHANESULFONIC ACID)"
6 water water
#
_entity_poly.entity_id   1
_entity_poly.type   'polypeptide(L)'
_entity_poly.pdbx_seq_one_letter_code
;AEEGAVAVCVRVRPLNSREESLGETAQVYWKTDNNVIYQVDGSKSFNFDRVFHGNETTKNVYEEIAAPIIDSAIQGYNGT
IFAYGQTASGKTYTMMGSEDHLGVIPRAIHDIFQKIKKFPDREFLLRVSYMEIYNETITDLLCGTQKMKPLIIREDVNRN
VYVADLTEEVVYTSEMALKWITKGEKSRHYGETKMNQRSSRSHTIFRMILESREKGEPSNCEGSVKVSHLNLVDLAGSER
AAQTGAAGVRLKEGCNINRSLFILGQVIKKLSDGQVGGFINYRDSKLTRILQNSLGGNAKTRIICTITPVSFDETLTALQ
FASTAKYMKNTPYVNEVSTDELEHHHHHH
;
_entity_poly.pdbx_strand_id   A,B
#
# COMPACT_ATOMS: atom_id res chain seq x y z
N GLU A 3 -14.52 -7.13 2.91
CA GLU A 3 -13.83 -7.67 1.70
C GLU A 3 -13.08 -8.95 2.02
N GLY A 4 -11.83 -8.81 2.46
CA GLY A 4 -11.03 -9.97 2.78
C GLY A 4 -10.77 -10.85 1.56
N ALA A 5 -10.43 -10.21 0.45
CA ALA A 5 -10.15 -10.94 -0.79
C ALA A 5 -8.85 -11.75 -0.68
N VAL A 6 -7.94 -11.29 0.17
CA VAL A 6 -6.66 -11.95 0.39
C VAL A 6 -6.37 -12.10 1.88
N ALA A 7 -6.05 -13.32 2.30
CA ALA A 7 -5.75 -13.64 3.69
C ALA A 7 -4.56 -14.60 3.76
N VAL A 8 -3.72 -14.41 4.78
CA VAL A 8 -2.53 -15.22 4.99
C VAL A 8 -2.50 -15.72 6.43
N CYS A 9 -1.97 -16.91 6.61
CA CYS A 9 -1.89 -17.50 7.93
C CYS A 9 -0.61 -18.31 7.93
N VAL A 10 -0.22 -18.76 9.11
CA VAL A 10 0.99 -19.54 9.27
C VAL A 10 0.62 -20.78 10.04
N ARG A 11 1.28 -21.89 9.74
CA ARG A 11 1.05 -23.13 10.45
C ARG A 11 2.42 -23.55 10.89
N VAL A 12 2.53 -23.94 12.14
CA VAL A 12 3.83 -24.33 12.67
C VAL A 12 3.90 -25.84 12.81
N ARG A 13 4.94 -26.44 12.25
CA ARG A 13 5.10 -27.89 12.35
C ARG A 13 5.43 -28.25 13.80
N PRO A 14 4.73 -29.24 14.36
CA PRO A 14 4.98 -29.66 15.75
C PRO A 14 6.40 -30.20 15.89
N LEU A 15 6.93 -30.19 17.10
CA LEU A 15 8.27 -30.72 17.35
C LEU A 15 8.15 -32.19 17.74
N ASN A 16 9.00 -33.04 17.18
CA ASN A 16 8.98 -34.48 17.49
C ASN A 16 9.70 -34.70 18.83
N SER A 17 9.84 -33.65 19.63
CA SER A 17 10.74 -33.67 20.82
C SER A 17 10.46 -32.43 21.76
N ARG A 18 11.64 -32.02 22.30
CA ARG A 18 12.31 -30.95 23.03
C ARG A 18 13.57 -31.46 23.65
N GLU A 19 13.90 -32.65 23.24
CA GLU A 19 15.20 -33.21 23.48
C GLU A 19 15.25 -34.13 22.29
N GLU A 20 16.32 -33.88 21.54
CA GLU A 20 16.69 -34.52 20.28
C GLU A 20 17.86 -33.95 19.47
N SER A 21 18.11 -34.64 18.36
CA SER A 21 19.13 -34.30 17.35
C SER A 21 19.87 -32.97 17.39
N LEU A 22 21.14 -33.22 17.72
CA LEU A 22 22.46 -32.61 18.04
C LEU A 22 22.64 -32.85 19.48
N GLY A 23 22.48 -34.18 19.48
CA GLY A 23 22.56 -35.08 20.58
C GLY A 23 21.38 -34.93 21.46
N GLU A 24 21.64 -34.08 22.43
CA GLU A 24 20.73 -33.75 23.48
C GLU A 24 20.04 -32.43 23.16
N THR A 25 19.92 -32.07 21.88
CA THR A 25 19.24 -30.83 21.45
C THR A 25 19.74 -30.05 20.24
N ALA A 26 18.75 -29.61 19.45
CA ALA A 26 18.96 -28.79 18.26
C ALA A 26 18.33 -27.50 18.80
N GLN A 27 18.13 -26.47 17.98
CA GLN A 27 17.53 -25.27 18.54
C GLN A 27 16.20 -24.81 18.00
N VAL A 28 15.43 -24.20 18.90
CA VAL A 28 14.10 -23.66 18.63
C VAL A 28 14.31 -22.15 18.51
N TYR A 29 14.20 -21.62 17.29
CA TYR A 29 14.39 -20.19 17.05
C TYR A 29 13.11 -19.34 17.00
N TRP A 30 11.96 -19.98 17.07
CA TRP A 30 10.71 -19.23 16.99
C TRP A 30 9.62 -19.71 17.93
N LYS A 31 8.77 -18.77 18.32
N LYS A 31 8.79 -18.76 18.34
CA LYS A 31 7.65 -19.08 19.20
CA LYS A 31 7.67 -19.02 19.23
C LYS A 31 6.47 -18.22 18.75
C LYS A 31 6.47 -18.20 18.76
N THR A 32 5.28 -18.71 18.99
CA THR A 32 4.06 -18.02 18.60
C THR A 32 3.20 -17.82 19.82
N ASP A 33 2.67 -16.61 19.96
CA ASP A 33 1.80 -16.26 21.07
C ASP A 33 0.64 -15.44 20.49
N ASN A 34 -0.59 -15.86 20.81
CA ASN A 34 -1.80 -15.19 20.32
C ASN A 34 -1.50 -15.18 18.79
N ASN A 35 -1.79 -14.14 18.01
CA ASN A 35 -1.46 -14.31 16.58
C ASN A 35 -0.19 -13.63 16.10
N VAL A 36 0.89 -13.87 16.84
CA VAL A 36 2.18 -13.29 16.51
C VAL A 36 3.25 -14.37 16.62
N ILE A 37 4.25 -14.29 15.75
CA ILE A 37 5.34 -15.24 15.77
C ILE A 37 6.65 -14.46 15.89
N TYR A 38 7.35 -14.69 16.99
CA TYR A 38 8.60 -13.99 17.26
C TYR A 38 9.73 -14.95 17.51
N GLN A 39 10.95 -14.48 17.34
CA GLN A 39 12.10 -15.34 17.56
C GLN A 39 12.53 -15.36 19.01
N VAL A 40 13.08 -16.49 19.41
CA VAL A 40 13.55 -16.73 20.76
C VAL A 40 14.39 -15.57 21.28
N ASP A 41 15.65 -15.54 20.87
CA ASP A 41 16.55 -14.48 21.30
C ASP A 41 16.91 -13.61 20.09
N GLY A 42 16.02 -12.69 19.79
CA GLY A 42 16.20 -11.77 18.68
C GLY A 42 15.04 -10.79 18.73
N SER A 43 15.07 -9.77 17.87
CA SER A 43 14.00 -8.77 17.87
C SER A 43 12.97 -8.85 16.74
N LYS A 44 13.07 -9.84 15.86
CA LYS A 44 12.12 -9.95 14.75
C LYS A 44 10.83 -10.62 15.21
N SER A 45 9.69 -10.04 14.82
CA SER A 45 8.37 -10.59 15.13
C SER A 45 7.44 -10.39 13.93
N PHE A 46 6.38 -11.21 13.82
CA PHE A 46 5.45 -11.09 12.70
C PHE A 46 4.01 -11.25 13.11
N ASN A 47 3.16 -10.40 12.53
CA ASN A 47 1.73 -10.34 12.79
C ASN A 47 0.87 -10.90 11.66
N PHE A 48 0.04 -11.90 11.96
CA PHE A 48 -0.84 -12.51 10.95
C PHE A 48 -2.21 -12.63 11.59
N ASP A 49 -3.27 -12.52 10.80
CA ASP A 49 -4.59 -12.60 11.39
C ASP A 49 -4.98 -14.04 11.77
N ARG A 50 -3.97 -14.89 11.90
CA ARG A 50 -4.16 -16.29 12.30
C ARG A 50 -2.87 -17.11 12.22
N VAL A 51 -2.49 -17.74 13.34
CA VAL A 51 -1.31 -18.58 13.39
C VAL A 51 -1.73 -19.88 14.06
N PHE A 52 -1.60 -20.99 13.34
CA PHE A 52 -1.97 -22.27 13.90
C PHE A 52 -0.74 -22.87 14.53
N HIS A 53 -0.87 -23.31 15.79
CA HIS A 53 0.28 -23.91 16.48
C HIS A 53 0.33 -25.41 16.26
N GLY A 54 1.47 -26.01 16.63
CA GLY A 54 1.70 -27.44 16.44
C GLY A 54 0.62 -28.40 16.89
N ASN A 55 -0.26 -27.96 17.79
CA ASN A 55 -1.33 -28.79 18.31
C ASN A 55 -2.59 -28.80 17.43
N GLU A 56 -2.85 -27.69 16.75
CA GLU A 56 -4.01 -27.57 15.90
C GLU A 56 -3.95 -28.52 14.69
N THR A 57 -5.10 -29.11 14.35
CA THR A 57 -5.20 -30.09 13.26
C THR A 57 -5.54 -29.56 11.88
N THR A 58 -5.18 -30.36 10.88
CA THR A 58 -5.43 -30.02 9.47
C THR A 58 -6.93 -29.75 9.28
N LYS A 59 -7.77 -30.44 10.05
CA LYS A 59 -9.21 -30.24 9.97
C LYS A 59 -9.56 -28.78 10.31
N ASN A 60 -8.98 -28.28 11.39
CA ASN A 60 -9.19 -26.89 11.82
C ASN A 60 -8.66 -25.90 10.79
N VAL A 61 -7.52 -26.21 10.18
CA VAL A 61 -6.96 -25.33 9.17
C VAL A 61 -7.95 -25.30 8.01
N TYR A 62 -8.48 -26.47 7.67
CA TYR A 62 -9.43 -26.54 6.58
C TYR A 62 -10.70 -25.76 6.85
N GLU A 63 -11.29 -26.00 8.01
CA GLU A 63 -12.56 -25.36 8.37
C GLU A 63 -12.49 -23.85 8.54
N GLU A 64 -11.38 -23.33 9.05
CA GLU A 64 -11.22 -21.90 9.22
C GLU A 64 -10.80 -21.18 7.95
N ILE A 65 -9.85 -21.79 7.23
CA ILE A 65 -9.33 -21.19 6.01
C ILE A 65 -9.97 -21.59 4.69
N ALA A 66 -9.96 -22.89 4.41
CA ALA A 66 -10.47 -23.41 3.14
C ALA A 66 -11.99 -23.46 2.90
N ALA A 67 -12.74 -23.94 3.87
CA ALA A 67 -14.20 -24.05 3.72
C ALA A 67 -14.86 -22.79 3.17
N PRO A 68 -14.48 -21.61 3.68
CA PRO A 68 -15.12 -20.40 3.14
C PRO A 68 -14.79 -20.19 1.64
N ILE A 69 -13.63 -20.68 1.21
CA ILE A 69 -13.24 -20.56 -0.19
C ILE A 69 -14.08 -21.53 -1.02
N ILE A 70 -14.33 -22.72 -0.47
CA ILE A 70 -15.16 -23.71 -1.16
C ILE A 70 -16.57 -23.14 -1.34
N ASP A 71 -17.16 -22.67 -0.25
CA ASP A 71 -18.49 -22.08 -0.31
C ASP A 71 -18.51 -21.01 -1.40
N SER A 72 -17.48 -20.17 -1.41
CA SER A 72 -17.39 -19.11 -2.40
C SER A 72 -17.29 -19.67 -3.81
N ALA A 73 -16.58 -20.79 -3.95
CA ALA A 73 -16.43 -21.43 -5.26
C ALA A 73 -17.80 -21.87 -5.78
N ILE A 74 -18.60 -22.42 -4.87
CA ILE A 74 -19.95 -22.88 -5.21
C ILE A 74 -20.85 -21.72 -5.60
N GLN A 75 -20.47 -20.50 -5.20
CA GLN A 75 -21.26 -19.33 -5.54
C GLN A 75 -20.80 -18.62 -6.81
N GLY A 76 -19.77 -19.16 -7.46
CA GLY A 76 -19.28 -18.55 -8.69
C GLY A 76 -18.07 -17.64 -8.56
N TYR A 77 -17.31 -17.81 -7.48
CA TYR A 77 -16.10 -17.00 -7.26
C TYR A 77 -14.87 -17.87 -7.46
N ASN A 78 -13.88 -17.34 -8.17
CA ASN A 78 -12.63 -18.06 -8.38
C ASN A 78 -11.90 -18.06 -7.03
N GLY A 79 -11.33 -19.21 -6.67
CA GLY A 79 -10.62 -19.29 -5.42
C GLY A 79 -9.33 -20.07 -5.59
N THR A 80 -8.28 -19.60 -4.94
CA THR A 80 -6.98 -20.23 -5.00
C THR A 80 -6.36 -20.29 -3.62
N ILE A 81 -5.69 -21.40 -3.34
CA ILE A 81 -5.03 -21.63 -2.06
C ILE A 81 -3.63 -22.23 -2.28
N PHE A 82 -2.62 -21.59 -1.68
CA PHE A 82 -1.22 -22.02 -1.81
C PHE A 82 -0.66 -22.56 -0.52
N ALA A 83 0.29 -23.47 -0.65
CA ALA A 83 1.01 -24.03 0.48
C ALA A 83 2.44 -23.60 0.14
N TYR A 84 3.01 -22.74 0.98
CA TYR A 84 4.35 -22.20 0.75
C TYR A 84 5.22 -22.38 1.96
N GLY A 85 6.48 -22.75 1.72
CA GLY A 85 7.39 -22.97 2.83
C GLY A 85 8.54 -23.91 2.50
N GLN A 86 9.45 -24.02 3.45
CA GLN A 86 10.64 -24.85 3.33
C GLN A 86 10.33 -26.34 3.21
N THR A 87 11.22 -27.06 2.53
CA THR A 87 11.06 -28.49 2.37
C THR A 87 10.95 -29.09 3.77
N ALA A 88 10.00 -30.01 3.94
CA ALA A 88 9.77 -30.67 5.22
C ALA A 88 9.10 -29.82 6.29
N SER A 89 8.46 -28.72 5.90
CA SER A 89 7.77 -27.87 6.87
C SER A 89 6.31 -28.25 7.02
N GLY A 90 5.81 -29.11 6.12
CA GLY A 90 4.42 -29.55 6.22
C GLY A 90 3.47 -29.20 5.08
N LYS A 91 4.03 -28.76 3.95
CA LYS A 91 3.21 -28.38 2.81
C LYS A 91 2.31 -29.47 2.26
N THR A 92 2.91 -30.63 1.98
CA THR A 92 2.15 -31.75 1.43
C THR A 92 1.27 -32.36 2.51
N TYR A 93 1.76 -32.39 3.75
CA TYR A 93 0.98 -32.90 4.86
C TYR A 93 -0.32 -32.10 4.95
N THR A 94 -0.20 -30.78 4.82
CA THR A 94 -1.38 -29.90 4.89
C THR A 94 -2.26 -29.96 3.66
N MET A 95 -1.65 -30.05 2.47
CA MET A 95 -2.43 -30.09 1.24
C MET A 95 -2.96 -31.46 0.80
N MET A 96 -2.20 -32.53 1.01
CA MET A 96 -2.66 -33.85 0.59
C MET A 96 -2.93 -34.76 1.79
N GLY A 97 -2.01 -34.75 2.74
CA GLY A 97 -2.14 -35.55 3.94
C GLY A 97 -2.22 -37.04 3.72
N SER A 98 -2.75 -37.73 4.74
CA SER A 98 -2.92 -39.19 4.75
C SER A 98 -4.38 -39.55 4.98
N GLU A 99 -4.65 -40.86 5.04
CA GLU A 99 -6.00 -41.36 5.26
C GLU A 99 -6.42 -41.05 6.70
N ASP A 100 -5.45 -41.07 7.59
CA ASP A 100 -5.67 -40.79 9.01
C ASP A 100 -5.92 -39.29 9.21
N HIS A 101 -5.22 -38.47 8.43
CA HIS A 101 -5.34 -37.01 8.50
C HIS A 101 -5.43 -36.39 7.11
N LEU A 102 -6.61 -36.46 6.50
CA LEU A 102 -6.84 -35.93 5.16
C LEU A 102 -6.41 -34.47 5.02
N GLY A 103 -5.77 -34.16 3.89
CA GLY A 103 -5.30 -32.82 3.64
C GLY A 103 -6.42 -31.94 3.12
N VAL A 104 -6.07 -30.70 2.78
CA VAL A 104 -7.04 -29.73 2.26
C VAL A 104 -7.68 -30.12 0.90
N ILE A 105 -6.91 -30.75 0.03
CA ILE A 105 -7.45 -31.14 -1.28
C ILE A 105 -8.57 -32.18 -1.16
N PRO A 106 -8.31 -33.32 -0.53
CA PRO A 106 -9.39 -34.30 -0.39
C PRO A 106 -10.57 -33.77 0.45
N ARG A 107 -10.27 -32.97 1.46
CA ARG A 107 -11.34 -32.41 2.28
C ARG A 107 -12.24 -31.51 1.43
N ALA A 108 -11.61 -30.70 0.59
CA ALA A 108 -12.34 -29.80 -0.29
C ALA A 108 -13.24 -30.61 -1.21
N ILE A 109 -12.73 -31.73 -1.72
CA ILE A 109 -13.53 -32.56 -2.61
C ILE A 109 -14.76 -33.12 -1.90
N HIS A 110 -14.56 -33.77 -0.74
CA HIS A 110 -15.66 -34.31 0.08
C HIS A 110 -16.64 -33.20 0.42
N ASP A 111 -16.11 -32.05 0.81
CA ASP A 111 -16.92 -30.92 1.21
C ASP A 111 -17.76 -30.39 0.06
N ILE A 112 -17.15 -30.30 -1.12
CA ILE A 112 -17.87 -29.80 -2.29
C ILE A 112 -19.03 -30.71 -2.66
N PHE A 113 -18.79 -32.01 -2.71
CA PHE A 113 -19.86 -32.93 -3.07
C PHE A 113 -20.99 -32.96 -2.05
N GLN A 114 -20.67 -32.68 -0.80
CA GLN A 114 -21.68 -32.67 0.26
C GLN A 114 -22.47 -31.37 0.27
N LYS A 115 -21.84 -30.29 -0.19
CA LYS A 115 -22.51 -29.01 -0.17
C LYS A 115 -23.31 -28.65 -1.41
N ILE A 116 -23.02 -29.29 -2.54
CA ILE A 116 -23.79 -28.97 -3.74
C ILE A 116 -25.18 -29.59 -3.61
N LYS A 117 -25.30 -30.60 -2.76
CA LYS A 117 -26.57 -31.27 -2.53
C LYS A 117 -27.54 -30.34 -1.80
N LYS A 118 -27.01 -29.34 -1.12
CA LYS A 118 -27.84 -28.39 -0.40
C LYS A 118 -28.36 -27.34 -1.36
N PHE A 119 -28.41 -27.70 -2.63
CA PHE A 119 -28.88 -26.79 -3.69
C PHE A 119 -29.62 -27.51 -4.80
N PRO A 120 -30.78 -28.12 -4.48
CA PRO A 120 -31.54 -28.82 -5.52
C PRO A 120 -31.98 -27.96 -6.75
N ASP A 121 -32.46 -26.71 -6.59
CA ASP A 121 -32.86 -25.83 -7.73
C ASP A 121 -31.80 -25.82 -8.86
N ARG A 122 -30.53 -26.03 -8.54
CA ARG A 122 -29.57 -25.94 -9.65
C ARG A 122 -28.86 -27.20 -10.10
N GLU A 123 -28.18 -27.08 -11.23
CA GLU A 123 -27.45 -28.21 -11.78
C GLU A 123 -25.93 -28.16 -11.65
N PHE A 124 -25.30 -29.29 -11.31
N PHE A 124 -25.49 -29.43 -11.69
CA PHE A 124 -23.86 -29.24 -11.15
CA PHE A 124 -24.22 -30.15 -11.58
C PHE A 124 -23.02 -30.12 -12.07
C PHE A 124 -23.09 -30.23 -12.62
N LEU A 125 -22.01 -29.43 -12.59
CA LEU A 125 -20.98 -29.88 -13.52
C LEU A 125 -19.58 -29.62 -12.97
N LEU A 126 -18.84 -30.69 -12.75
CA LEU A 126 -17.50 -30.60 -12.19
C LEU A 126 -16.47 -31.42 -12.94
N ARG A 127 -15.28 -30.86 -13.16
CA ARG A 127 -14.22 -31.60 -13.81
C ARG A 127 -12.89 -31.23 -13.18
N VAL A 128 -11.98 -32.20 -13.11
CA VAL A 128 -10.69 -32.02 -12.48
C VAL A 128 -9.50 -32.14 -13.42
N SER A 129 -8.39 -31.55 -12.98
CA SER A 129 -7.12 -31.57 -13.71
C SER A 129 -6.01 -31.66 -12.68
N TYR A 130 -4.83 -32.10 -13.10
CA TYR A 130 -3.70 -32.25 -12.19
C TYR A 130 -2.41 -32.19 -13.00
N MET A 131 -1.62 -31.14 -12.77
CA MET A 131 -0.38 -30.91 -13.50
C MET A 131 0.81 -30.68 -12.60
N GLU A 132 2.00 -30.90 -13.16
CA GLU A 132 3.23 -30.70 -12.43
C GLU A 132 4.15 -29.77 -13.20
N ILE A 133 4.78 -28.85 -12.48
CA ILE A 133 5.73 -27.90 -13.09
C ILE A 133 7.12 -28.18 -12.52
N TYR A 134 8.04 -28.57 -13.39
CA TYR A 134 9.41 -28.86 -13.00
C TYR A 134 10.38 -28.43 -14.10
N ASN A 135 11.49 -27.80 -13.71
CA ASN A 135 12.51 -27.33 -14.65
C ASN A 135 11.94 -26.60 -15.87
N GLU A 136 10.99 -25.72 -15.59
CA GLU A 136 10.23 -24.91 -16.58
C GLU A 136 9.32 -25.76 -17.38
N THR A 137 9.18 -27.02 -17.02
CA THR A 137 8.30 -27.76 -17.87
C THR A 137 7.14 -28.49 -17.25
N ILE A 138 5.99 -28.10 -17.78
CA ILE A 138 4.63 -28.51 -17.48
C ILE A 138 4.18 -29.88 -18.00
N THR A 139 4.11 -30.87 -17.11
CA THR A 139 3.70 -32.23 -17.44
C THR A 139 2.30 -32.57 -16.91
N ASP A 140 1.50 -33.26 -17.72
CA ASP A 140 0.13 -33.65 -17.37
C ASP A 140 0.17 -34.89 -16.51
N LEU A 141 -0.46 -34.83 -15.32
CA LEU A 141 -0.46 -35.98 -14.41
C LEU A 141 -1.60 -37.01 -14.57
N LEU A 142 -2.42 -36.84 -15.59
CA LEU A 142 -3.50 -37.81 -15.86
C LEU A 142 -3.40 -38.06 -17.38
N CYS A 143 -2.29 -38.65 -17.84
CA CYS A 143 -2.06 -38.84 -19.27
C CYS A 143 -1.77 -40.17 -20.00
N GLY A 144 -0.73 -40.08 -20.86
CA GLY A 144 -0.19 -41.13 -21.76
C GLY A 144 1.14 -40.88 -22.51
N THR A 145 1.65 -39.62 -22.48
CA THR A 145 2.98 -38.95 -22.92
C THR A 145 3.36 -37.77 -23.87
N GLN A 146 2.77 -36.63 -23.68
CA GLN A 146 3.25 -35.50 -24.45
C GLN A 146 3.91 -34.72 -23.31
N LYS A 147 5.04 -35.06 -22.72
CA LYS A 147 5.24 -34.22 -21.53
C LYS A 147 4.99 -32.66 -21.53
N MET A 148 5.87 -31.78 -22.01
CA MET A 148 5.75 -30.26 -22.00
C MET A 148 4.73 -29.12 -22.43
N LYS A 149 3.42 -29.28 -22.46
CA LYS A 149 2.45 -28.20 -22.88
C LYS A 149 2.66 -26.64 -22.74
N PRO A 150 2.09 -25.85 -23.70
CA PRO A 150 2.15 -24.36 -23.72
C PRO A 150 0.96 -23.64 -23.06
N LEU A 151 1.24 -22.46 -22.50
CA LEU A 151 0.23 -21.65 -21.83
C LEU A 151 -0.40 -20.65 -22.78
N ILE A 152 -1.49 -21.04 -23.45
CA ILE A 152 -2.15 -20.15 -24.40
C ILE A 152 -3.01 -19.10 -23.69
N ILE A 153 -3.62 -18.21 -24.46
CA ILE A 153 -4.45 -17.14 -23.90
C ILE A 153 -5.82 -16.96 -24.55
N ARG A 154 -6.05 -17.62 -25.67
CA ARG A 154 -7.31 -17.47 -26.36
C ARG A 154 -8.65 -17.54 -25.60
N GLU A 155 -8.79 -16.93 -24.43
CA GLU A 155 -10.11 -16.93 -23.85
C GLU A 155 -10.54 -15.40 -23.87
N ASP A 156 -10.61 -14.88 -25.13
CA ASP A 156 -10.98 -13.53 -25.66
C ASP A 156 -12.17 -12.93 -24.97
N VAL A 157 -12.48 -13.56 -23.86
CA VAL A 157 -13.55 -13.20 -22.97
C VAL A 157 -12.64 -12.85 -21.81
N ASN A 158 -12.03 -11.67 -21.86
CA ASN A 158 -11.11 -11.19 -20.83
C ASN A 158 -9.70 -11.80 -20.95
N ARG A 159 -9.48 -12.57 -22.01
CA ARG A 159 -8.21 -13.22 -22.27
C ARG A 159 -7.64 -13.96 -21.06
N ASN A 160 -8.34 -15.03 -20.69
CA ASN A 160 -7.95 -15.86 -19.56
C ASN A 160 -6.86 -16.82 -20.02
N VAL A 161 -6.01 -17.25 -19.09
CA VAL A 161 -4.92 -18.16 -19.40
C VAL A 161 -5.38 -19.60 -19.24
N TYR A 162 -4.64 -20.52 -19.86
CA TYR A 162 -4.94 -21.94 -19.78
C TYR A 162 -3.81 -22.71 -20.43
N VAL A 163 -3.62 -23.95 -19.99
CA VAL A 163 -2.57 -24.79 -20.54
C VAL A 163 -3.11 -25.49 -21.78
N ALA A 164 -2.39 -25.36 -22.90
CA ALA A 164 -2.78 -25.97 -24.16
C ALA A 164 -3.34 -27.37 -23.91
N ASP A 165 -4.66 -27.42 -23.84
CA ASP A 165 -5.42 -28.63 -23.62
C ASP A 165 -4.73 -29.77 -22.91
N LEU A 166 -4.90 -29.65 -21.60
CA LEU A 166 -4.39 -30.51 -20.56
C LEU A 166 -5.60 -31.38 -20.20
N THR A 167 -5.40 -32.64 -19.82
CA THR A 167 -6.57 -33.46 -19.56
C THR A 167 -7.50 -32.93 -18.46
N GLU A 168 -8.78 -32.82 -18.81
CA GLU A 168 -9.83 -32.35 -17.89
C GLU A 168 -10.86 -33.48 -17.75
N GLU A 169 -10.88 -34.11 -16.59
CA GLU A 169 -11.79 -35.23 -16.39
C GLU A 169 -13.08 -34.93 -15.62
N VAL A 170 -14.21 -35.27 -16.24
CA VAL A 170 -15.52 -35.06 -15.62
C VAL A 170 -15.73 -36.11 -14.52
N VAL A 171 -16.09 -35.66 -13.32
CA VAL A 171 -16.33 -36.54 -12.17
C VAL A 171 -17.70 -36.28 -11.54
N TYR A 172 -18.41 -37.35 -11.15
CA TYR A 172 -19.73 -37.23 -10.51
C TYR A 172 -19.71 -37.60 -9.03
N THR A 173 -18.66 -38.31 -8.62
CA THR A 173 -18.54 -38.71 -7.22
C THR A 173 -17.17 -38.29 -6.73
N SER A 174 -17.04 -38.16 -5.41
CA SER A 174 -15.78 -37.81 -4.83
C SER A 174 -14.85 -39.01 -4.99
N GLU A 175 -15.44 -40.20 -5.03
CA GLU A 175 -14.68 -41.44 -5.16
C GLU A 175 -13.89 -41.40 -6.47
N MET A 176 -14.54 -40.97 -7.55
CA MET A 176 -13.85 -40.89 -8.82
C MET A 176 -12.79 -39.78 -8.74
N ALA A 177 -13.18 -38.60 -8.27
CA ALA A 177 -12.21 -37.49 -8.16
C ALA A 177 -10.93 -37.98 -7.51
N LEU A 178 -11.08 -38.59 -6.34
CA LEU A 178 -9.93 -39.10 -5.59
C LEU A 178 -9.19 -40.21 -6.36
N LYS A 179 -9.88 -40.92 -7.26
CA LYS A 179 -9.23 -41.98 -8.05
C LYS A 179 -8.25 -41.33 -9.02
N TRP A 180 -8.60 -40.16 -9.56
CA TRP A 180 -7.68 -39.46 -10.45
C TRP A 180 -6.47 -38.97 -9.66
N ILE A 181 -6.71 -38.40 -8.48
CA ILE A 181 -5.60 -37.94 -7.67
C ILE A 181 -4.65 -39.10 -7.49
N THR A 182 -5.16 -40.19 -6.91
CA THR A 182 -4.34 -41.39 -6.71
C THR A 182 -3.49 -41.73 -7.94
N LYS A 183 -4.10 -41.76 -9.12
CA LYS A 183 -3.34 -42.06 -10.33
C LYS A 183 -2.28 -41.00 -10.51
N GLY A 184 -2.70 -39.73 -10.52
CA GLY A 184 -1.76 -38.63 -10.68
C GLY A 184 -0.61 -38.76 -9.69
N GLU A 185 -0.93 -39.00 -8.43
CA GLU A 185 0.11 -39.16 -7.44
C GLU A 185 1.06 -40.24 -7.93
N LYS A 186 0.52 -41.41 -8.25
CA LYS A 186 1.32 -42.54 -8.71
C LYS A 186 2.16 -42.17 -9.93
N SER A 187 1.50 -41.68 -10.96
CA SER A 187 2.18 -41.30 -12.21
C SER A 187 3.13 -40.12 -12.01
N ARG A 188 3.59 -39.96 -10.78
CA ARG A 188 4.52 -38.88 -10.47
C ARG A 188 5.91 -39.50 -10.52
N HIS A 189 5.94 -40.83 -10.49
CA HIS A 189 7.20 -41.57 -10.47
C HIS A 189 7.35 -42.55 -11.63
N TYR A 190 7.46 -41.87 -12.76
CA TYR A 190 7.66 -42.26 -14.14
C TYR A 190 8.01 -40.79 -14.51
N GLY A 191 8.78 -40.30 -13.54
CA GLY A 191 9.37 -38.99 -13.38
C GLY A 191 10.26 -39.51 -12.25
N GLU A 192 10.99 -38.73 -11.47
CA GLU A 192 11.84 -39.35 -10.44
C GLU A 192 12.87 -40.24 -11.16
N THR A 193 14.11 -39.74 -11.21
CA THR A 193 15.31 -40.30 -11.83
C THR A 193 15.36 -39.86 -13.30
N LYS A 194 15.17 -38.55 -13.40
CA LYS A 194 15.28 -37.64 -14.55
C LYS A 194 16.28 -36.79 -13.71
N MET A 195 16.08 -36.98 -12.40
CA MET A 195 16.80 -36.60 -11.17
C MET A 195 15.95 -36.19 -9.94
N ASN A 196 15.88 -37.15 -9.06
CA ASN A 196 15.07 -37.17 -7.84
C ASN A 196 15.09 -36.25 -6.66
N GLN A 197 13.96 -36.37 -5.97
CA GLN A 197 13.57 -35.56 -4.83
C GLN A 197 13.09 -34.38 -5.65
N ARG A 198 12.65 -34.73 -6.86
CA ARG A 198 12.12 -33.79 -7.84
C ARG A 198 10.86 -33.22 -7.20
N SER A 199 10.37 -33.94 -6.20
CA SER A 199 9.17 -33.54 -5.46
C SER A 199 9.42 -32.21 -4.77
N SER A 200 10.50 -32.14 -4.00
CA SER A 200 10.85 -30.95 -3.27
C SER A 200 11.27 -29.81 -4.22
N ARG A 201 11.42 -30.13 -5.49
CA ARG A 201 11.86 -29.14 -6.48
C ARG A 201 10.84 -28.84 -7.57
N SER A 202 9.59 -29.27 -7.38
CA SER A 202 8.56 -28.98 -8.37
C SER A 202 7.26 -28.52 -7.72
N HIS A 203 6.40 -27.87 -8.51
CA HIS A 203 5.11 -27.40 -8.05
C HIS A 203 4.02 -28.32 -8.63
N THR A 204 2.92 -28.47 -7.90
CA THR A 204 1.81 -29.28 -8.38
C THR A 204 0.53 -28.49 -8.17
N ILE A 205 -0.31 -28.47 -9.20
CA ILE A 205 -1.56 -27.74 -9.13
C ILE A 205 -2.78 -28.61 -9.37
N PHE A 206 -3.64 -28.75 -8.36
CA PHE A 206 -4.86 -29.53 -8.55
C PHE A 206 -5.94 -28.48 -8.77
N ARG A 207 -6.62 -28.59 -9.90
CA ARG A 207 -7.65 -27.63 -10.23
C ARG A 207 -8.99 -28.28 -10.44
N MET A 208 -10.03 -27.58 -10.02
CA MET A 208 -11.37 -28.08 -10.21
C MET A 208 -12.20 -26.94 -10.79
N ILE A 209 -12.77 -27.20 -11.96
CA ILE A 209 -13.63 -26.23 -12.62
C ILE A 209 -15.07 -26.58 -12.23
N LEU A 210 -15.81 -25.62 -11.69
CA LEU A 210 -17.19 -25.86 -11.30
C LEU A 210 -18.13 -25.06 -12.19
N GLU A 211 -19.24 -25.68 -12.57
CA GLU A 211 -20.24 -25.02 -13.40
C GLU A 211 -21.62 -25.32 -12.83
N SER A 212 -22.52 -24.37 -12.93
CA SER A 212 -23.85 -24.58 -12.42
C SER A 212 -24.90 -23.69 -13.07
N ARG A 213 -26.15 -24.11 -12.98
CA ARG A 213 -27.28 -23.39 -13.55
C ARG A 213 -28.53 -23.89 -12.86
N GLU A 214 -29.61 -23.12 -12.96
CA GLU A 214 -30.88 -23.48 -12.33
C GLU A 214 -31.74 -24.41 -13.17
N LYS A 215 -32.64 -25.12 -12.52
CA LYS A 215 -33.60 -25.97 -13.21
C LYS A 215 -33.14 -26.42 -14.59
N GLY A 223 -30.25 -19.99 -17.63
CA GLY A 223 -29.71 -19.46 -18.87
C GLY A 223 -28.30 -18.94 -18.69
N SER A 224 -28.02 -18.43 -17.49
CA SER A 224 -26.68 -17.94 -17.21
C SER A 224 -26.00 -19.06 -16.42
N VAL A 225 -24.74 -19.33 -16.74
CA VAL A 225 -23.98 -20.37 -16.07
C VAL A 225 -22.87 -19.80 -15.18
N LYS A 226 -22.85 -20.19 -13.91
CA LYS A 226 -21.81 -19.74 -12.99
C LYS A 226 -20.61 -20.65 -13.25
N VAL A 227 -19.44 -20.05 -13.37
CA VAL A 227 -18.22 -20.81 -13.64
C VAL A 227 -17.09 -20.33 -12.75
N SER A 228 -16.48 -21.25 -12.01
CA SER A 228 -15.39 -20.89 -11.13
C SER A 228 -14.24 -21.89 -11.16
N HIS A 229 -13.02 -21.38 -11.04
CA HIS A 229 -11.81 -22.19 -11.03
C HIS A 229 -11.25 -22.23 -9.61
N LEU A 230 -11.05 -23.44 -9.10
CA LEU A 230 -10.54 -23.65 -7.76
C LEU A 230 -9.17 -24.30 -7.87
N ASN A 231 -8.11 -23.52 -7.64
CA ASN A 231 -6.77 -24.06 -7.71
C ASN A 231 -6.20 -24.30 -6.32
N LEU A 232 -5.62 -25.48 -6.16
CA LEU A 232 -5.06 -25.93 -4.91
C LEU A 232 -3.60 -26.25 -5.13
N VAL A 233 -2.74 -25.34 -4.68
CA VAL A 233 -1.31 -25.40 -4.91
C VAL A 233 -0.31 -25.78 -3.84
N ASP A 234 0.52 -26.77 -4.22
CA ASP A 234 1.59 -27.27 -3.38
C ASP A 234 2.90 -26.87 -4.07
N LEU A 235 3.50 -25.79 -3.61
CA LEU A 235 4.72 -25.25 -4.20
C LEU A 235 6.01 -25.97 -3.82
N ALA A 236 7.08 -25.60 -4.52
CA ALA A 236 8.41 -26.17 -4.30
C ALA A 236 9.03 -25.61 -3.01
N GLY A 237 10.06 -26.28 -2.50
CA GLY A 237 10.71 -25.82 -1.30
C GLY A 237 11.22 -24.40 -1.44
N SER A 238 10.91 -23.54 -0.47
CA SER A 238 11.34 -22.15 -0.51
C SER A 238 12.80 -21.94 -0.09
N GLU A 239 13.47 -23.00 0.34
CA GLU A 239 14.86 -22.85 0.71
C GLU A 239 15.61 -22.50 -0.59
N ARG A 240 14.97 -22.79 -1.71
CA ARG A 240 15.54 -22.50 -3.03
C ARG A 240 14.85 -21.32 -3.71
N ALA A 241 14.23 -20.47 -2.89
CA ALA A 241 13.52 -19.30 -3.39
C ALA A 241 14.51 -18.16 -3.70
N ALA A 242 15.42 -17.90 -2.76
CA ALA A 242 16.43 -16.85 -2.93
C ALA A 242 17.70 -17.23 -2.19
N ARG A 250 21.61 -9.93 -6.20
CA ARG A 250 22.69 -9.60 -5.28
C ARG A 250 23.64 -10.76 -5.05
N LEU A 251 23.13 -11.98 -5.17
CA LEU A 251 23.93 -13.15 -4.85
C LEU A 251 24.68 -13.96 -5.89
N LYS A 252 25.80 -14.51 -5.42
CA LYS A 252 26.70 -15.35 -6.17
C LYS A 252 26.14 -16.76 -5.96
N GLU A 253 26.90 -17.79 -6.31
CA GLU A 253 26.42 -19.15 -6.11
C GLU A 253 26.74 -19.56 -4.67
N GLY A 254 25.71 -19.50 -3.82
CA GLY A 254 25.84 -19.87 -2.43
C GLY A 254 24.62 -20.68 -2.06
N CYS A 255 23.75 -20.89 -3.05
CA CYS A 255 22.51 -21.66 -2.89
C CYS A 255 22.15 -22.32 -4.25
N ASN A 256 20.87 -22.38 -4.59
CA ASN A 256 20.43 -22.91 -5.90
C ASN A 256 18.99 -22.45 -6.12
N ILE A 257 18.87 -21.34 -6.84
CA ILE A 257 17.58 -20.72 -7.12
C ILE A 257 16.62 -21.49 -8.03
N ASN A 258 15.33 -21.39 -7.70
CA ASN A 258 14.24 -22.01 -8.46
C ASN A 258 13.60 -20.79 -9.12
N ARG A 259 13.68 -20.70 -10.44
CA ARG A 259 13.15 -19.54 -11.15
C ARG A 259 11.75 -19.09 -10.76
N SER A 260 10.81 -20.04 -10.71
N SER A 260 10.81 -20.01 -10.71
CA SER A 260 9.41 -19.75 -10.38
CA SER A 260 9.42 -19.71 -10.39
C SER A 260 9.20 -19.14 -9.00
C SER A 260 9.21 -19.13 -9.00
N LEU A 261 9.87 -19.72 -8.01
CA LEU A 261 9.75 -19.24 -6.63
C LEU A 261 10.25 -17.81 -6.54
N PHE A 262 11.31 -17.52 -7.28
CA PHE A 262 11.91 -16.20 -7.29
C PHE A 262 10.96 -15.19 -7.93
N ILE A 263 10.43 -15.54 -9.10
CA ILE A 263 9.51 -14.66 -9.81
C ILE A 263 8.20 -14.51 -9.03
N LEU A 264 7.81 -15.57 -8.30
CA LEU A 264 6.60 -15.53 -7.48
C LEU A 264 6.74 -14.42 -6.46
N GLY A 265 7.82 -14.46 -5.68
CA GLY A 265 8.05 -13.46 -4.66
C GLY A 265 8.22 -12.08 -5.24
N GLN A 266 8.85 -12.01 -6.40
CA GLN A 266 9.07 -10.74 -7.06
C GLN A 266 7.75 -10.10 -7.46
N VAL A 267 6.83 -10.93 -7.95
CA VAL A 267 5.53 -10.44 -8.36
C VAL A 267 4.69 -10.03 -7.14
N ILE A 268 4.80 -10.81 -6.07
CA ILE A 268 4.05 -10.48 -4.85
C ILE A 268 4.50 -9.12 -4.28
N LYS A 269 5.80 -8.91 -4.16
CA LYS A 269 6.36 -7.66 -3.66
C LYS A 269 5.83 -6.44 -4.42
N LYS A 270 5.91 -6.49 -5.74
CA LYS A 270 5.45 -5.38 -6.57
C LYS A 270 3.99 -5.06 -6.30
N LEU A 271 3.14 -6.08 -6.28
CA LEU A 271 1.72 -5.87 -6.03
C LEU A 271 1.49 -5.23 -4.66
N SER A 272 2.21 -5.70 -3.65
CA SER A 272 2.08 -5.16 -2.29
C SER A 272 2.60 -3.73 -2.21
N ASP A 273 3.51 -3.38 -3.12
CA ASP A 273 4.11 -2.05 -3.16
C ASP A 273 3.30 -1.03 -3.95
N GLY A 274 2.34 -1.52 -4.75
CA GLY A 274 1.50 -0.61 -5.52
C GLY A 274 1.65 -0.62 -7.03
N GLN A 275 2.45 -1.52 -7.57
CA GLN A 275 2.62 -1.56 -9.02
C GLN A 275 1.51 -2.36 -9.71
N VAL A 276 1.25 -2.04 -10.97
CA VAL A 276 0.22 -2.72 -11.75
C VAL A 276 0.50 -2.61 -13.26
N GLY A 277 -0.58 -2.67 -14.05
CA GLY A 277 -0.52 -2.54 -15.49
C GLY A 277 0.40 -3.46 -16.28
N GLY A 278 1.71 -3.19 -16.19
CA GLY A 278 2.69 -3.99 -16.91
C GLY A 278 4.03 -4.00 -16.22
N PHE A 279 4.08 -3.45 -15.02
CA PHE A 279 5.30 -3.41 -14.24
C PHE A 279 5.42 -4.71 -13.45
N ILE A 280 4.45 -5.59 -13.67
CA ILE A 280 4.38 -6.88 -13.00
C ILE A 280 4.76 -7.99 -13.99
N ASN A 281 5.93 -8.60 -13.76
CA ASN A 281 6.45 -9.64 -14.65
C ASN A 281 5.88 -11.05 -14.48
N TYR A 282 4.59 -11.21 -14.73
CA TYR A 282 3.99 -12.55 -14.63
C TYR A 282 4.61 -13.54 -15.63
N ARG A 283 5.08 -13.03 -16.77
CA ARG A 283 5.63 -13.92 -17.81
C ARG A 283 7.02 -14.48 -17.63
N ASP A 284 7.75 -14.05 -16.61
CA ASP A 284 9.11 -14.56 -16.38
C ASP A 284 9.14 -15.97 -15.79
N SER A 285 7.96 -16.56 -15.63
CA SER A 285 7.84 -17.92 -15.10
C SER A 285 6.49 -18.55 -15.51
N LYS A 286 6.46 -19.88 -15.62
CA LYS A 286 5.26 -20.62 -16.01
C LYS A 286 4.25 -20.50 -14.88
N LEU A 287 4.73 -20.75 -13.65
CA LEU A 287 3.93 -20.67 -12.43
C LEU A 287 3.14 -19.39 -12.38
N THR A 288 3.84 -18.27 -12.52
CA THR A 288 3.21 -16.97 -12.41
C THR A 288 2.36 -16.56 -13.59
N ARG A 289 2.57 -17.22 -14.73
CA ARG A 289 1.76 -16.90 -15.90
C ARG A 289 0.48 -17.70 -15.72
N ILE A 290 0.63 -18.98 -15.39
CA ILE A 290 -0.52 -19.85 -15.19
C ILE A 290 -1.41 -19.29 -14.07
N LEU A 291 -0.82 -19.06 -12.91
CA LEU A 291 -1.59 -18.56 -11.77
C LEU A 291 -1.71 -17.05 -11.73
N GLN A 292 -1.57 -16.43 -12.88
CA GLN A 292 -1.65 -14.98 -13.01
C GLN A 292 -2.89 -14.35 -12.34
N ASN A 293 -4.08 -14.81 -12.71
CA ASN A 293 -5.32 -14.26 -12.16
C ASN A 293 -5.44 -14.33 -10.64
N SER A 294 -4.69 -15.24 -10.01
CA SER A 294 -4.72 -15.41 -8.55
C SER A 294 -3.89 -14.38 -7.80
N LEU A 295 -2.99 -13.71 -8.52
CA LEU A 295 -2.09 -12.72 -7.93
C LEU A 295 -2.54 -11.31 -8.28
N GLY A 296 -3.46 -10.77 -7.49
CA GLY A 296 -3.97 -9.43 -7.71
C GLY A 296 -5.04 -9.33 -8.77
N GLY A 297 -5.83 -10.39 -8.97
CA GLY A 297 -6.87 -10.38 -9.99
C GLY A 297 -8.29 -10.74 -9.54
N ASN A 298 -9.03 -11.48 -10.37
CA ASN A 298 -10.41 -11.88 -10.02
C ASN A 298 -10.62 -13.17 -9.25
N ALA A 299 -10.12 -13.23 -8.01
CA ALA A 299 -10.15 -14.41 -7.15
C ALA A 299 -9.98 -14.12 -5.67
N LYS A 300 -10.41 -15.04 -4.85
CA LYS A 300 -10.19 -14.92 -3.42
C LYS A 300 -8.97 -15.83 -3.20
N THR A 301 -7.86 -15.23 -2.81
CA THR A 301 -6.65 -15.99 -2.55
C THR A 301 -6.28 -16.10 -1.07
N ARG A 302 -5.81 -17.28 -0.67
CA ARG A 302 -5.38 -17.56 0.69
C ARG A 302 -4.02 -18.25 0.62
N ILE A 303 -3.11 -17.86 1.52
CA ILE A 303 -1.77 -18.46 1.54
C ILE A 303 -1.54 -19.06 2.92
N ILE A 304 -1.16 -20.34 2.94
CA ILE A 304 -0.87 -21.05 4.18
C ILE A 304 0.63 -21.25 4.16
N CYS A 305 1.33 -20.57 5.06
CA CYS A 305 2.78 -20.66 5.12
C CYS A 305 3.25 -21.59 6.23
N THR A 306 3.73 -22.77 5.85
CA THR A 306 4.20 -23.77 6.80
C THR A 306 5.64 -23.49 7.24
N ILE A 307 5.86 -23.55 8.55
CA ILE A 307 7.17 -23.25 9.12
C ILE A 307 7.59 -24.26 10.19
N THR A 308 8.89 -24.42 10.37
CA THR A 308 9.43 -25.33 11.38
C THR A 308 10.32 -24.52 12.32
N PRO A 309 9.96 -24.45 13.61
CA PRO A 309 10.66 -23.72 14.68
C PRO A 309 12.17 -23.86 14.73
N VAL A 310 12.65 -25.08 14.50
CA VAL A 310 14.08 -25.35 14.56
C VAL A 310 14.89 -24.74 13.43
N SER A 311 14.20 -24.10 12.49
CA SER A 311 14.90 -23.48 11.36
C SER A 311 14.94 -21.98 11.57
N PHE A 312 15.99 -21.33 11.09
CA PHE A 312 16.07 -19.89 11.26
C PHE A 312 16.02 -19.13 9.94
N ASP A 313 16.99 -19.38 9.08
CA ASP A 313 17.08 -18.69 7.82
C ASP A 313 15.90 -19.02 6.92
N GLU A 314 15.59 -20.29 6.78
CA GLU A 314 14.46 -20.67 5.93
C GLU A 314 13.16 -20.10 6.47
N THR A 315 12.91 -20.26 7.76
CA THR A 315 11.69 -19.76 8.38
C THR A 315 11.57 -18.25 8.18
N LEU A 316 12.69 -17.56 8.37
CA LEU A 316 12.73 -16.12 8.21
C LEU A 316 12.30 -15.73 6.80
N THR A 317 12.90 -16.38 5.81
CA THR A 317 12.59 -16.10 4.40
C THR A 317 11.11 -16.29 4.09
N ALA A 318 10.55 -17.39 4.57
CA ALA A 318 9.14 -17.69 4.33
C ALA A 318 8.23 -16.69 5.05
N LEU A 319 8.57 -16.34 6.29
CA LEU A 319 7.80 -15.37 7.05
C LEU A 319 7.79 -14.02 6.35
N GLN A 320 8.95 -13.60 5.84
CA GLN A 320 9.00 -12.34 5.12
C GLN A 320 8.08 -12.38 3.91
N PHE A 321 8.12 -13.49 3.18
CA PHE A 321 7.28 -13.68 2.00
C PHE A 321 5.79 -13.75 2.39
N ALA A 322 5.48 -14.49 3.47
CA ALA A 322 4.10 -14.59 3.92
C ALA A 322 3.58 -13.21 4.37
N SER A 323 4.41 -12.47 5.08
CA SER A 323 4.09 -11.15 5.58
C SER A 323 3.79 -10.17 4.44
N THR A 324 4.64 -10.19 3.42
CA THR A 324 4.48 -9.32 2.26
C THR A 324 3.19 -9.63 1.51
N ALA A 325 2.78 -10.90 1.49
CA ALA A 325 1.57 -11.27 0.78
C ALA A 325 0.27 -10.74 1.39
N LYS A 326 0.29 -10.41 2.67
CA LYS A 326 -0.89 -9.87 3.37
C LYS A 326 -1.43 -8.61 2.72
N TYR A 327 -0.55 -7.83 2.12
CA TYR A 327 -0.96 -6.58 1.52
C TYR A 327 -1.36 -6.62 0.04
N MET A 328 -1.41 -7.81 -0.54
CA MET A 328 -1.80 -7.94 -1.94
C MET A 328 -3.29 -7.63 -2.06
N LYS A 329 -3.70 -7.00 -3.16
CA LYS A 329 -5.11 -6.67 -3.36
C LYS A 329 -5.72 -7.34 -4.58
N ASN A 330 -6.79 -8.11 -4.37
CA ASN A 330 -7.51 -8.79 -5.44
C ASN A 330 -8.88 -8.15 -5.50
N THR A 331 -9.57 -8.33 -6.63
CA THR A 331 -10.92 -7.78 -6.80
C THR A 331 -11.76 -8.92 -7.36
N PRO A 332 -12.38 -9.71 -6.48
CA PRO A 332 -13.22 -10.85 -6.85
C PRO A 332 -14.69 -10.54 -7.09
N TYR A 333 -15.29 -11.30 -7.99
CA TYR A 333 -16.70 -11.16 -8.29
C TYR A 333 -17.23 -12.46 -8.89
N VAL A 334 -18.56 -12.62 -8.85
CA VAL A 334 -19.19 -13.82 -9.38
C VAL A 334 -19.02 -13.89 -10.89
N ASN A 335 -18.78 -15.09 -11.42
CA ASN A 335 -18.61 -15.25 -12.85
C ASN A 335 -19.78 -15.98 -13.49
N GLU A 336 -20.73 -15.22 -14.04
CA GLU A 336 -21.89 -15.79 -14.73
C GLU A 336 -21.76 -15.47 -16.20
N VAL A 337 -21.87 -16.48 -17.04
CA VAL A 337 -21.76 -16.28 -18.47
C VAL A 337 -23.12 -16.45 -19.13
N SER A 338 -23.48 -15.46 -19.95
CA SER A 338 -24.75 -15.42 -20.66
C SER A 338 -24.91 -16.50 -21.73
N GLY B 4 5.54 17.14 -12.71
CA GLY B 4 4.49 16.75 -11.74
C GLY B 4 3.81 17.95 -11.08
N ALA B 5 2.62 18.27 -11.55
CA ALA B 5 1.85 19.39 -11.02
C ALA B 5 1.54 19.22 -9.54
N VAL B 6 1.32 17.96 -9.13
CA VAL B 6 1.01 17.63 -7.75
C VAL B 6 1.85 16.44 -7.30
N ALA B 7 2.28 16.46 -6.05
CA ALA B 7 3.08 15.38 -5.51
C ALA B 7 2.90 15.30 -4.00
N VAL B 8 2.76 14.07 -3.50
CA VAL B 8 2.57 13.85 -2.08
C VAL B 8 3.66 12.95 -1.51
N CYS B 9 4.05 13.21 -0.28
CA CYS B 9 5.07 12.41 0.39
C CYS B 9 4.66 12.34 1.85
N VAL B 10 5.34 11.49 2.61
CA VAL B 10 5.05 11.32 4.02
C VAL B 10 6.35 11.39 4.81
N ARG B 11 6.27 11.83 6.06
CA ARG B 11 7.44 11.91 6.93
C ARG B 11 7.08 11.31 8.27
N VAL B 12 7.88 10.37 8.73
CA VAL B 12 7.60 9.73 10.00
C VAL B 12 8.36 10.33 11.16
N ARG B 13 7.63 10.71 12.20
CA ARG B 13 8.23 11.28 13.39
C ARG B 13 8.96 10.16 14.13
N PRO B 14 10.30 10.22 14.17
CA PRO B 14 11.08 9.18 14.85
C PRO B 14 10.53 8.85 16.23
N LEU B 15 10.65 7.58 16.62
CA LEU B 15 10.15 7.12 17.90
C LEU B 15 10.70 7.95 19.05
N ASN B 16 10.20 7.68 20.26
CA ASN B 16 10.63 8.38 21.46
C ASN B 16 10.55 9.88 21.29
N ALA B 26 4.40 1.73 24.77
CA ALA B 26 4.75 2.02 23.38
C ALA B 26 4.18 0.96 22.44
N GLN B 27 3.19 1.33 21.64
CA GLN B 27 2.58 0.40 20.71
C GLN B 27 2.69 0.92 19.27
N VAL B 28 3.42 0.20 18.44
CA VAL B 28 3.63 0.59 17.04
C VAL B 28 2.57 -0.03 16.12
N TYR B 29 1.87 0.83 15.38
CA TYR B 29 0.84 0.36 14.48
C TYR B 29 1.24 0.45 13.01
N TRP B 30 2.40 1.06 12.73
CA TRP B 30 2.85 1.20 11.35
C TRP B 30 4.35 0.93 11.22
N LYS B 31 4.77 0.62 9.99
CA LYS B 31 6.18 0.36 9.70
C LYS B 31 6.43 0.81 8.26
N THR B 32 7.69 1.10 7.93
CA THR B 32 7.99 1.56 6.57
C THR B 32 8.97 0.68 5.80
N ASP B 33 8.76 0.60 4.49
CA ASP B 33 9.61 -0.16 3.58
C ASP B 33 9.58 0.65 2.30
N ASN B 34 10.73 1.16 1.88
CA ASN B 34 10.81 2.01 0.69
C ASN B 34 9.67 3.04 0.76
N ASN B 35 9.14 3.46 -0.38
CA ASN B 35 8.07 4.44 -0.41
C ASN B 35 6.71 3.90 0.02
N VAL B 36 6.70 2.87 0.86
CA VAL B 36 5.45 2.28 1.29
C VAL B 36 5.33 2.20 2.81
N ILE B 37 4.12 2.48 3.30
CA ILE B 37 3.86 2.43 4.73
C ILE B 37 2.81 1.33 4.97
N TYR B 38 3.17 0.33 5.76
N TYR B 38 3.18 0.33 5.78
CA TYR B 38 2.29 -0.81 6.05
CA TYR B 38 2.30 -0.78 6.10
C TYR B 38 1.73 -0.80 7.49
C TYR B 38 1.74 -0.81 7.52
N GLN B 39 0.58 -1.44 7.68
CA GLN B 39 -0.06 -1.53 8.98
C GLN B 39 0.34 -2.84 9.65
N VAL B 40 1.04 -2.75 10.78
CA VAL B 40 1.42 -3.95 11.49
C VAL B 40 0.10 -4.42 12.14
N ASP B 41 -0.15 -5.71 12.03
CA ASP B 41 -1.36 -6.40 12.52
C ASP B 41 -2.59 -6.05 11.73
N GLY B 42 -2.38 -5.74 10.48
CA GLY B 42 -3.52 -5.43 9.67
C GLY B 42 -3.03 -5.72 8.28
N SER B 43 -3.89 -5.50 7.32
CA SER B 43 -3.53 -5.74 5.95
C SER B 43 -3.60 -4.45 5.13
N LYS B 44 -3.63 -3.30 5.80
CA LYS B 44 -3.69 -2.03 5.08
C LYS B 44 -2.28 -1.55 4.71
N SER B 45 -2.17 -0.77 3.65
CA SER B 45 -0.88 -0.25 3.25
C SER B 45 -1.05 0.89 2.26
N PHE B 46 -0.16 1.87 2.30
CA PHE B 46 -0.25 2.99 1.37
C PHE B 46 1.12 3.28 0.77
N ASN B 47 1.15 3.80 -0.44
CA ASN B 47 2.41 4.11 -1.08
C ASN B 47 2.40 5.52 -1.64
N PHE B 48 3.59 6.13 -1.66
CA PHE B 48 3.76 7.50 -2.14
C PHE B 48 5.10 7.62 -2.86
N ASP B 49 5.27 8.69 -3.64
CA ASP B 49 6.51 8.93 -4.38
C ASP B 49 7.71 8.94 -3.45
N ARG B 50 7.49 9.22 -2.17
CA ARG B 50 8.58 9.24 -1.21
C ARG B 50 8.04 9.11 0.21
N VAL B 51 8.85 8.54 1.09
CA VAL B 51 8.46 8.35 2.48
C VAL B 51 9.70 8.48 3.36
N PHE B 52 9.94 9.69 3.86
CA PHE B 52 11.09 9.93 4.72
C PHE B 52 10.91 9.17 6.00
N HIS B 53 11.98 8.51 6.43
CA HIS B 53 11.98 7.72 7.66
C HIS B 53 12.48 8.57 8.81
N GLY B 54 12.06 8.23 10.03
CA GLY B 54 12.47 8.99 11.20
C GLY B 54 13.96 9.02 11.50
N ASN B 55 14.77 9.25 10.47
CA ASN B 55 16.22 9.34 10.64
C ASN B 55 16.80 10.28 9.58
N GLU B 56 15.96 10.71 8.64
CA GLU B 56 16.38 11.62 7.59
C GLU B 56 16.12 13.07 8.01
N THR B 57 17.09 13.94 7.73
CA THR B 57 17.00 15.34 8.12
C THR B 57 16.02 16.18 7.29
N THR B 58 15.62 17.31 7.87
CA THR B 58 14.70 18.22 7.20
C THR B 58 15.37 18.83 5.97
N LYS B 59 16.70 18.74 5.95
CA LYS B 59 17.48 19.27 4.83
C LYS B 59 17.17 18.42 3.61
N ASN B 60 17.02 17.11 3.84
CA ASN B 60 16.71 16.17 2.78
C ASN B 60 15.29 16.46 2.30
N VAL B 61 14.39 16.61 3.27
CA VAL B 61 13.00 16.92 2.94
C VAL B 61 12.98 18.18 2.09
N TYR B 62 13.75 19.18 2.52
CA TYR B 62 13.81 20.44 1.79
C TYR B 62 14.41 20.29 0.39
N GLU B 63 15.59 19.69 0.32
CA GLU B 63 16.30 19.50 -0.94
C GLU B 63 15.54 18.68 -1.97
N GLU B 64 14.87 17.63 -1.50
CA GLU B 64 14.11 16.77 -2.41
C GLU B 64 12.73 17.32 -2.77
N ILE B 65 12.01 17.83 -1.77
CA ILE B 65 10.66 18.33 -2.00
C ILE B 65 10.52 19.82 -2.32
N ALA B 66 10.99 20.66 -1.41
CA ALA B 66 10.87 22.12 -1.57
C ALA B 66 11.73 22.77 -2.66
N ALA B 67 13.03 22.50 -2.65
CA ALA B 67 13.94 23.08 -3.62
C ALA B 67 13.34 23.20 -5.02
N PRO B 68 12.87 22.08 -5.59
CA PRO B 68 12.29 22.12 -6.94
C PRO B 68 11.22 23.19 -7.08
N ILE B 69 10.46 23.41 -6.01
CA ILE B 69 9.40 24.42 -6.01
C ILE B 69 10.02 25.81 -6.07
N ILE B 70 10.97 26.08 -5.18
CA ILE B 70 11.64 27.38 -5.16
C ILE B 70 12.24 27.69 -6.51
N ASP B 71 12.93 26.71 -7.08
CA ASP B 71 13.53 26.90 -8.39
C ASP B 71 12.41 27.25 -9.40
N SER B 72 11.23 26.64 -9.26
CA SER B 72 10.09 26.90 -10.16
C SER B 72 9.50 28.29 -9.92
N ALA B 73 9.50 28.71 -8.66
CA ALA B 73 8.97 30.03 -8.31
C ALA B 73 9.75 31.09 -9.05
N ILE B 74 11.07 30.98 -9.01
CA ILE B 74 11.97 31.91 -9.67
C ILE B 74 11.77 31.92 -11.19
N GLN B 75 11.05 30.93 -11.70
CA GLN B 75 10.81 30.86 -13.13
C GLN B 75 9.42 31.35 -13.53
N GLY B 76 8.64 31.82 -12.56
CA GLY B 76 7.31 32.32 -12.86
C GLY B 76 6.18 31.34 -12.60
N TYR B 77 6.48 30.27 -11.87
CA TYR B 77 5.49 29.26 -11.53
C TYR B 77 5.01 29.46 -10.10
N ASN B 78 3.70 29.39 -9.89
CA ASN B 78 3.15 29.53 -8.54
C ASN B 78 3.45 28.24 -7.77
N GLY B 79 3.75 28.35 -6.48
CA GLY B 79 4.05 27.16 -5.71
C GLY B 79 3.52 27.19 -4.28
N THR B 80 2.99 26.06 -3.83
CA THR B 80 2.43 25.94 -2.49
C THR B 80 2.92 24.65 -1.82
N ILE B 81 3.17 24.71 -0.52
CA ILE B 81 3.64 23.54 0.21
C ILE B 81 2.95 23.38 1.55
N PHE B 82 1.97 22.47 1.61
CA PHE B 82 1.24 22.22 2.83
C PHE B 82 2.02 21.29 3.75
N ALA B 83 1.62 21.31 5.02
CA ALA B 83 2.20 20.47 6.06
C ALA B 83 0.97 19.97 6.80
N TYR B 84 0.50 18.80 6.42
CA TYR B 84 -0.71 18.23 7.01
C TYR B 84 -0.43 17.06 7.96
N GLY B 85 -1.16 17.03 9.08
CA GLY B 85 -0.96 15.94 10.03
C GLY B 85 -1.41 16.20 11.46
N GLN B 86 -1.61 15.11 12.19
CA GLN B 86 -2.03 15.13 13.58
C GLN B 86 -1.17 16.11 14.38
N THR B 87 -1.59 16.41 15.62
CA THR B 87 -0.81 17.32 16.44
C THR B 87 0.34 16.56 17.11
N ALA B 88 1.53 17.15 17.05
CA ALA B 88 2.75 16.57 17.62
C ALA B 88 3.43 15.60 16.65
N SER B 89 2.99 15.61 15.40
CA SER B 89 3.57 14.72 14.41
C SER B 89 4.81 15.34 13.78
N GLY B 90 4.86 16.68 13.72
CA GLY B 90 6.03 17.33 13.16
C GLY B 90 5.83 18.39 12.09
N LYS B 91 4.62 18.92 11.97
CA LYS B 91 4.35 19.94 10.96
C LYS B 91 5.22 21.18 11.16
N THR B 92 5.21 21.72 12.38
CA THR B 92 5.99 22.92 12.66
C THR B 92 7.49 22.62 12.56
N TYR B 93 7.90 21.46 13.08
CA TYR B 93 9.31 21.06 13.03
C TYR B 93 9.82 20.99 11.59
N THR B 94 8.93 20.67 10.66
CA THR B 94 9.33 20.58 9.27
C THR B 94 9.21 21.91 8.53
N MET B 95 8.19 22.69 8.85
CA MET B 95 7.98 23.97 8.19
C MET B 95 8.78 25.15 8.75
N MET B 96 9.04 25.12 10.06
CA MET B 96 9.77 26.21 10.69
C MET B 96 11.12 25.71 11.24
N GLY B 97 11.04 24.87 12.26
CA GLY B 97 12.24 24.30 12.86
C GLY B 97 12.93 25.18 13.89
N SER B 98 14.22 24.94 14.08
CA SER B 98 15.03 25.71 15.02
C SER B 98 16.31 26.14 14.33
N GLU B 99 17.20 26.77 15.08
CA GLU B 99 18.48 27.22 14.53
C GLU B 99 19.34 26.01 14.23
N ASP B 100 19.20 24.98 15.05
CA ASP B 100 19.95 23.75 14.88
C ASP B 100 19.47 23.05 13.61
N HIS B 101 18.16 23.08 13.39
CA HIS B 101 17.56 22.44 12.22
C HIS B 101 16.56 23.35 11.52
N LEU B 102 17.04 24.20 10.63
CA LEU B 102 16.16 25.13 9.92
C LEU B 102 15.07 24.37 9.16
N GLY B 103 13.86 24.92 9.19
CA GLY B 103 12.74 24.29 8.52
C GLY B 103 12.61 24.69 7.06
N VAL B 104 11.56 24.22 6.42
CA VAL B 104 11.31 24.51 5.02
C VAL B 104 11.23 26.00 4.68
N ILE B 105 10.55 26.77 5.53
CA ILE B 105 10.39 28.21 5.28
C ILE B 105 11.74 28.95 5.29
N PRO B 106 12.44 28.98 6.44
CA PRO B 106 13.74 29.69 6.42
C PRO B 106 14.65 29.21 5.29
N ARG B 107 14.81 27.90 5.16
CA ARG B 107 15.66 27.33 4.11
C ARG B 107 15.26 27.90 2.76
N ALA B 108 13.96 27.92 2.50
CA ALA B 108 13.45 28.44 1.23
C ALA B 108 13.88 29.88 1.00
N ILE B 109 13.92 30.67 2.07
CA ILE B 109 14.33 32.05 1.95
C ILE B 109 15.81 32.11 1.57
N HIS B 110 16.64 31.49 2.40
CA HIS B 110 18.08 31.42 2.16
C HIS B 110 18.36 30.99 0.73
N ASP B 111 17.66 29.96 0.28
CA ASP B 111 17.84 29.44 -1.06
C ASP B 111 17.45 30.43 -2.15
N ILE B 112 16.32 31.13 -1.94
CA ILE B 112 15.83 32.09 -2.93
C ILE B 112 16.82 33.23 -3.15
N PHE B 113 17.40 33.75 -2.08
CA PHE B 113 18.35 34.84 -2.21
C PHE B 113 19.66 34.39 -2.86
N GLN B 114 20.11 33.19 -2.52
CA GLN B 114 21.34 32.67 -3.10
C GLN B 114 21.19 32.37 -4.59
N LYS B 115 20.04 31.82 -4.97
CA LYS B 115 19.79 31.47 -6.36
C LYS B 115 19.49 32.63 -7.30
N ILE B 116 18.73 33.62 -6.84
CA ILE B 116 18.41 34.77 -7.69
C ILE B 116 19.67 35.47 -8.14
N LYS B 117 20.76 35.23 -7.42
CA LYS B 117 22.04 35.84 -7.75
C LYS B 117 22.64 35.23 -9.00
N LYS B 118 22.26 33.99 -9.30
CA LYS B 118 22.76 33.31 -10.48
C LYS B 118 22.01 33.76 -11.74
N PHE B 119 21.38 34.93 -11.65
CA PHE B 119 20.62 35.49 -12.75
C PHE B 119 20.83 37.02 -12.79
N PRO B 120 22.09 37.47 -12.92
CA PRO B 120 22.44 38.88 -12.96
C PRO B 120 21.73 39.66 -14.07
N ASP B 121 21.35 38.96 -15.13
CA ASP B 121 20.67 39.58 -16.26
C ASP B 121 19.22 39.91 -15.94
N ARG B 122 18.83 39.70 -14.69
CA ARG B 122 17.46 39.97 -14.28
C ARG B 122 17.37 40.83 -13.03
N GLU B 123 16.23 41.49 -12.88
CA GLU B 123 15.98 42.33 -11.72
C GLU B 123 14.97 41.62 -10.83
N PHE B 124 15.20 41.73 -9.51
CA PHE B 124 14.33 41.11 -8.54
C PHE B 124 13.96 42.08 -7.43
N LEU B 125 13.22 41.56 -6.47
CA LEU B 125 12.75 42.27 -5.30
C LEU B 125 11.50 41.52 -4.91
N LEU B 126 11.58 40.93 -3.73
CA LEU B 126 10.51 40.12 -3.20
C LEU B 126 9.88 40.80 -2.01
N ARG B 127 8.66 40.38 -1.69
CA ARG B 127 7.95 40.92 -0.54
C ARG B 127 7.18 39.78 0.11
N VAL B 128 7.28 39.72 1.44
CA VAL B 128 6.62 38.67 2.21
C VAL B 128 5.33 39.11 2.87
N SER B 129 4.67 38.15 3.51
CA SER B 129 3.41 38.36 4.22
C SER B 129 3.35 37.23 5.24
N TYR B 130 2.49 37.36 6.25
CA TYR B 130 2.37 36.32 7.25
C TYR B 130 1.06 36.49 8.03
N MET B 131 0.09 35.65 7.71
CA MET B 131 -1.23 35.72 8.36
C MET B 131 -1.56 34.46 9.16
N GLU B 132 -2.66 34.53 9.91
CA GLU B 132 -3.11 33.40 10.71
C GLU B 132 -4.62 33.23 10.55
N ILE B 133 -5.10 32.00 10.66
CA ILE B 133 -6.52 31.73 10.57
C ILE B 133 -6.92 30.91 11.78
N TYR B 134 -7.92 31.39 12.51
CA TYR B 134 -8.43 30.74 13.71
C TYR B 134 -9.89 31.16 13.91
N ASN B 135 -10.76 30.18 14.09
CA ASN B 135 -12.18 30.46 14.29
C ASN B 135 -12.74 31.16 13.06
N GLU B 136 -12.17 30.82 11.91
CA GLU B 136 -12.58 31.39 10.63
C GLU B 136 -12.28 32.89 10.57
N THR B 137 -11.40 33.34 11.46
CA THR B 137 -11.01 34.75 11.53
C THR B 137 -9.56 34.97 11.12
N ILE B 138 -9.36 35.66 10.00
CA ILE B 138 -8.02 35.95 9.49
C ILE B 138 -7.38 37.11 10.23
N THR B 139 -6.19 36.86 10.78
CA THR B 139 -5.47 37.89 11.50
C THR B 139 -4.10 38.11 10.87
N ASP B 140 -3.67 39.37 10.81
CA ASP B 140 -2.37 39.70 10.23
C ASP B 140 -1.32 39.61 11.35
N LEU B 141 -0.17 39.03 11.03
CA LEU B 141 0.89 38.85 12.01
C LEU B 141 2.03 39.86 11.83
N LEU B 142 1.96 40.67 10.78
CA LEU B 142 3.00 41.65 10.52
C LEU B 142 2.64 43.06 10.97
N CYS B 143 2.15 43.14 12.20
CA CYS B 143 1.75 44.39 12.86
C CYS B 143 1.27 43.98 14.25
N GLY B 144 0.93 44.94 15.11
CA GLY B 144 0.50 44.57 16.45
C GLY B 144 -0.90 44.96 16.90
N THR B 145 -1.78 45.35 15.98
CA THR B 145 -3.13 45.76 16.37
C THR B 145 -4.29 44.73 16.34
N GLN B 146 -5.15 44.91 17.34
CA GLN B 146 -6.36 44.16 17.74
C GLN B 146 -7.35 43.21 17.03
N LYS B 147 -7.28 42.90 15.72
CA LYS B 147 -8.28 41.96 15.13
C LYS B 147 -8.76 42.13 13.67
N MET B 148 -9.60 41.17 13.27
CA MET B 148 -10.29 41.03 11.97
C MET B 148 -9.62 41.30 10.63
N LYS B 149 -10.33 40.97 9.54
CA LYS B 149 -9.82 41.14 8.17
C LYS B 149 -10.73 40.60 7.06
N PRO B 150 -11.29 41.49 6.22
CA PRO B 150 -12.16 41.06 5.11
C PRO B 150 -11.40 40.34 3.98
N LEU B 151 -12.03 39.31 3.42
CA LEU B 151 -11.41 38.53 2.34
C LEU B 151 -12.05 38.83 0.99
N ILE B 152 -11.68 39.97 0.40
CA ILE B 152 -12.24 40.38 -0.88
C ILE B 152 -11.74 39.55 -2.07
N ILE B 153 -12.62 39.36 -3.05
CA ILE B 153 -12.31 38.59 -4.25
C ILE B 153 -11.90 39.56 -5.37
N ARG B 154 -12.07 40.86 -5.10
CA ARG B 154 -11.70 41.90 -6.06
C ARG B 154 -10.37 41.61 -6.74
N GLU B 155 -10.38 41.79 -8.05
CA GLU B 155 -9.21 41.57 -8.88
C GLU B 155 -9.61 41.98 -10.29
N ASP B 156 -9.93 40.98 -11.10
CA ASP B 156 -10.33 41.14 -12.49
C ASP B 156 -9.69 40.01 -13.32
N VAL B 157 -8.37 40.07 -13.46
CA VAL B 157 -7.64 39.08 -14.24
C VAL B 157 -7.74 37.69 -13.60
N ASN B 158 -8.90 37.04 -13.79
CA ASN B 158 -9.16 35.71 -13.25
C ASN B 158 -9.62 35.66 -11.78
N ARG B 159 -10.53 36.55 -11.41
CA ARG B 159 -11.04 36.60 -10.04
C ARG B 159 -10.00 36.42 -8.94
N ASN B 160 -8.72 36.63 -9.25
CA ASN B 160 -7.67 36.47 -8.25
C ASN B 160 -8.10 37.12 -6.94
N VAL B 161 -8.41 36.28 -5.95
CA VAL B 161 -8.86 36.74 -4.65
C VAL B 161 -7.74 37.08 -3.68
N TYR B 162 -7.88 38.20 -2.98
CA TYR B 162 -6.87 38.62 -2.00
C TYR B 162 -7.45 38.89 -0.63
N VAL B 163 -6.56 39.23 0.30
CA VAL B 163 -6.93 39.56 1.66
C VAL B 163 -6.76 41.05 1.83
N ALA B 164 -7.69 41.83 1.29
CA ALA B 164 -7.63 43.29 1.37
C ALA B 164 -7.15 43.82 2.72
N ASP B 165 -6.19 44.75 2.67
CA ASP B 165 -5.60 45.38 3.85
C ASP B 165 -4.51 44.52 4.49
N LEU B 166 -4.13 43.43 3.83
CA LEU B 166 -3.12 42.52 4.35
C LEU B 166 -1.70 43.03 4.15
N THR B 167 -0.92 42.99 5.23
CA THR B 167 0.47 43.42 5.22
C THR B 167 1.29 42.75 4.12
N GLU B 168 2.33 43.43 3.67
CA GLU B 168 3.24 42.95 2.64
C GLU B 168 4.54 43.72 2.83
N GLU B 169 5.67 43.02 2.83
CA GLU B 169 6.94 43.68 3.04
C GLU B 169 8.05 43.36 2.06
N VAL B 170 8.46 44.37 1.30
CA VAL B 170 9.53 44.21 0.33
C VAL B 170 10.83 43.95 1.08
N VAL B 171 11.63 43.03 0.57
CA VAL B 171 12.89 42.69 1.20
C VAL B 171 14.02 42.46 0.19
N TYR B 172 15.26 42.73 0.61
CA TYR B 172 16.43 42.59 -0.24
C TYR B 172 17.42 41.57 0.33
N THR B 173 17.27 41.26 1.61
CA THR B 173 18.16 40.31 2.28
C THR B 173 17.37 39.27 3.06
N SER B 174 17.95 38.09 3.25
CA SER B 174 17.28 37.04 3.98
C SER B 174 17.14 37.45 5.44
N GLU B 175 18.11 38.20 5.94
CA GLU B 175 18.08 38.64 7.34
C GLU B 175 16.82 39.41 7.65
N MET B 176 16.35 40.22 6.69
CA MET B 176 15.12 40.98 6.89
C MET B 176 13.93 40.04 6.91
N ALA B 177 13.78 39.24 5.87
CA ALA B 177 12.68 38.28 5.77
C ALA B 177 12.58 37.50 7.08
N LEU B 178 13.71 36.96 7.53
CA LEU B 178 13.74 36.21 8.77
C LEU B 178 13.34 37.09 9.95
N LYS B 179 13.64 38.38 9.84
CA LYS B 179 13.29 39.33 10.90
C LYS B 179 11.77 39.45 11.03
N TRP B 180 11.08 39.53 9.89
CA TRP B 180 9.63 39.63 9.92
C TRP B 180 9.02 38.36 10.49
N ILE B 181 9.60 37.22 10.15
CA ILE B 181 9.10 35.95 10.65
C ILE B 181 9.20 35.96 12.17
N THR B 182 10.40 36.23 12.68
CA THR B 182 10.60 36.27 14.12
C THR B 182 9.53 37.14 14.77
N LYS B 183 9.18 38.25 14.10
CA LYS B 183 8.16 39.13 14.63
C LYS B 183 6.82 38.41 14.62
N GLY B 184 6.38 38.05 13.41
CA GLY B 184 5.11 37.35 13.27
C GLY B 184 4.99 36.21 14.26
N GLU B 185 6.10 35.53 14.53
CA GLU B 185 6.13 34.43 15.47
C GLU B 185 5.90 34.91 16.90
N LYS B 186 6.59 35.99 17.27
CA LYS B 186 6.44 36.54 18.61
C LYS B 186 5.02 37.07 18.74
N SER B 187 4.58 37.82 17.74
CA SER B 187 3.25 38.41 17.72
C SER B 187 2.16 37.36 17.50
N ARG B 188 2.34 36.18 18.08
CA ARG B 188 1.36 35.12 17.94
C ARG B 188 0.63 34.94 19.27
N HIS B 189 1.10 35.66 20.29
CA HIS B 189 0.52 35.58 21.62
C HIS B 189 1.21 36.56 22.56
N TYR B 190 0.45 37.55 23.05
CA TYR B 190 1.01 38.56 23.94
C TYR B 190 -0.08 39.41 24.60
N GLY B 191 -1.28 39.35 24.07
CA GLY B 191 -2.37 40.13 24.61
C GLY B 191 -3.39 39.32 25.39
N GLU B 192 -3.18 38.01 25.45
CA GLU B 192 -4.09 37.13 26.18
C GLU B 192 -3.37 35.88 26.67
N THR B 193 -2.44 36.08 27.60
CA THR B 193 -1.66 34.99 28.16
C THR B 193 -2.53 34.05 28.98
N LYS B 194 -2.74 32.84 28.48
CA LYS B 194 -3.54 31.84 29.17
C LYS B 194 -2.85 30.49 29.19
N MET B 195 -3.14 29.65 28.20
CA MET B 195 -2.55 28.32 28.10
C MET B 195 -2.34 27.93 26.65
N ASN B 196 -1.41 27.00 26.41
CA ASN B 196 -1.15 26.53 25.06
C ASN B 196 -2.37 25.73 24.63
N GLN B 197 -3.06 26.25 23.62
CA GLN B 197 -4.28 25.64 23.11
C GLN B 197 -4.53 26.15 21.71
N ARG B 198 -4.21 27.43 21.52
CA ARG B 198 -4.39 28.12 20.25
C ARG B 198 -3.48 27.57 19.15
N SER B 199 -2.18 27.77 19.31
CA SER B 199 -1.19 27.32 18.33
C SER B 199 -1.62 26.03 17.63
N SER B 200 -1.79 24.97 18.43
CA SER B 200 -2.20 23.67 17.90
C SER B 200 -3.66 23.57 17.48
N ARG B 201 -4.20 24.66 16.94
CA ARG B 201 -5.59 24.67 16.49
C ARG B 201 -5.83 25.71 15.39
N SER B 202 -4.76 26.32 14.90
CA SER B 202 -4.87 27.33 13.86
C SER B 202 -3.94 27.10 12.69
N HIS B 203 -4.25 27.73 11.56
CA HIS B 203 -3.45 27.63 10.36
C HIS B 203 -2.60 28.86 10.24
N THR B 204 -1.51 28.77 9.49
CA THR B 204 -0.62 29.90 9.28
C THR B 204 -0.14 29.88 7.84
N ILE B 205 -0.04 31.04 7.23
CA ILE B 205 0.42 31.11 5.85
C ILE B 205 1.50 32.16 5.62
N PHE B 206 2.72 31.69 5.37
CA PHE B 206 3.81 32.60 5.08
C PHE B 206 3.85 32.62 3.57
N ARG B 207 3.77 33.79 2.98
CA ARG B 207 3.78 33.89 1.53
C ARG B 207 4.89 34.83 1.08
N MET B 208 5.27 34.71 -0.18
CA MET B 208 6.29 35.57 -0.73
C MET B 208 6.02 35.77 -2.21
N ILE B 209 5.91 37.02 -2.62
CA ILE B 209 5.64 37.33 -4.02
C ILE B 209 6.94 37.68 -4.73
N LEU B 210 7.19 36.99 -5.83
CA LEU B 210 8.40 37.21 -6.61
C LEU B 210 8.11 37.91 -7.92
N GLU B 211 8.87 38.95 -8.21
CA GLU B 211 8.72 39.69 -9.45
C GLU B 211 10.10 39.85 -10.08
N SER B 212 10.17 39.66 -11.40
CA SER B 212 11.44 39.77 -12.11
C SER B 212 11.29 40.20 -13.57
N ARG B 213 12.30 40.91 -14.07
CA ARG B 213 12.31 41.40 -15.44
C ARG B 213 13.75 41.38 -15.94
N GLU B 214 13.92 41.25 -17.25
CA GLU B 214 15.25 41.22 -17.86
C GLU B 214 15.72 42.64 -18.14
N LYS B 215 17.04 42.84 -18.11
CA LYS B 215 17.64 44.15 -18.36
C LYS B 215 18.17 44.24 -19.79
N SER B 224 9.21 41.66 -20.81
CA SER B 224 8.05 41.09 -20.14
C SER B 224 8.25 41.12 -18.62
N VAL B 225 7.22 40.69 -17.89
CA VAL B 225 7.27 40.66 -16.43
C VAL B 225 6.80 39.32 -15.90
N LYS B 226 7.56 38.76 -14.95
CA LYS B 226 7.22 37.47 -14.36
C LYS B 226 6.71 37.64 -12.94
N VAL B 227 5.49 37.16 -12.70
CA VAL B 227 4.86 37.24 -11.38
C VAL B 227 4.41 35.85 -10.93
N SER B 228 4.82 35.46 -9.73
CA SER B 228 4.46 34.14 -9.20
C SER B 228 4.31 34.15 -7.67
N HIS B 229 3.28 33.47 -7.19
CA HIS B 229 3.01 33.37 -5.76
C HIS B 229 3.59 32.10 -5.15
N LEU B 230 4.11 32.21 -3.93
CA LEU B 230 4.72 31.08 -3.25
C LEU B 230 4.25 31.01 -1.81
N ASN B 231 3.42 30.02 -1.50
CA ASN B 231 2.88 29.85 -0.15
C ASN B 231 3.41 28.64 0.58
N LEU B 232 3.60 28.80 1.89
CA LEU B 232 4.09 27.72 2.73
C LEU B 232 3.13 27.62 3.89
N VAL B 233 2.21 26.67 3.80
CA VAL B 233 1.19 26.47 4.82
C VAL B 233 1.58 25.51 5.94
N ASP B 234 0.99 25.75 7.10
CA ASP B 234 1.22 24.92 8.27
C ASP B 234 -0.17 24.68 8.85
N LEU B 235 -0.87 23.69 8.31
CA LEU B 235 -2.22 23.37 8.77
C LEU B 235 -2.25 23.08 10.26
N ALA B 236 -3.45 22.79 10.75
CA ALA B 236 -3.67 22.51 12.17
C ALA B 236 -4.04 21.05 12.40
N GLY B 237 -3.73 20.55 13.59
CA GLY B 237 -4.03 19.17 13.96
C GLY B 237 -5.21 18.58 13.23
N SER B 238 -4.97 17.51 12.46
CA SER B 238 -6.03 16.88 11.69
C SER B 238 -6.94 16.04 12.58
N GLU B 239 -6.71 16.09 13.89
CA GLU B 239 -7.54 15.36 14.83
C GLU B 239 -8.93 16.00 14.87
N ARG B 240 -9.07 17.17 14.26
CA ARG B 240 -10.35 17.89 14.24
C ARG B 240 -11.05 17.84 12.88
N ALA B 241 -11.40 16.64 12.44
CA ALA B 241 -12.09 16.46 11.16
C ALA B 241 -12.48 15.00 10.96
N ALA B 242 -12.22 14.17 11.97
CA ALA B 242 -12.56 12.75 11.92
C ALA B 242 -12.51 12.12 13.31
N LEU B 251 -17.67 12.16 11.07
CA LEU B 251 -18.85 11.30 10.99
C LEU B 251 -19.89 11.71 12.03
N LYS B 252 -19.54 11.53 13.31
CA LYS B 252 -20.43 11.88 14.40
C LYS B 252 -20.00 13.21 14.98
N GLU B 253 -20.96 14.00 15.48
CA GLU B 253 -20.65 15.31 16.04
C GLU B 253 -19.89 15.22 17.36
N GLY B 254 -19.79 14.02 17.91
CA GLY B 254 -19.08 13.84 19.17
C GLY B 254 -17.65 14.32 19.06
N CYS B 255 -17.15 14.35 17.83
CA CYS B 255 -15.78 14.79 17.54
C CYS B 255 -15.79 16.29 17.26
N ASN B 256 -15.02 17.05 18.02
CA ASN B 256 -14.95 18.50 17.85
C ASN B 256 -14.62 18.90 16.43
N ILE B 257 -14.74 20.20 16.13
CA ILE B 257 -14.51 20.67 14.77
C ILE B 257 -13.47 21.74 14.44
N ASN B 258 -13.34 21.96 13.13
CA ASN B 258 -12.45 22.93 12.50
C ASN B 258 -12.90 22.89 11.05
N ARG B 259 -13.98 23.61 10.75
CA ARG B 259 -14.55 23.64 9.40
C ARG B 259 -13.53 23.63 8.26
N SER B 260 -12.51 24.46 8.37
CA SER B 260 -11.48 24.56 7.34
C SER B 260 -10.85 23.21 6.97
N LEU B 261 -10.40 22.49 7.98
CA LEU B 261 -9.77 21.18 7.77
C LEU B 261 -10.75 20.22 7.12
N PHE B 262 -12.03 20.35 7.46
CA PHE B 262 -13.06 19.50 6.90
C PHE B 262 -13.35 19.87 5.45
N ILE B 263 -13.41 21.18 5.19
CA ILE B 263 -13.68 21.65 3.83
C ILE B 263 -12.49 21.36 2.92
N LEU B 264 -11.29 21.34 3.49
CA LEU B 264 -10.08 21.05 2.73
C LEU B 264 -10.24 19.64 2.18
N GLY B 265 -10.50 18.69 3.08
CA GLY B 265 -10.70 17.31 2.70
C GLY B 265 -11.78 17.11 1.66
N GLN B 266 -12.90 17.81 1.82
CA GLN B 266 -14.00 17.69 0.85
C GLN B 266 -13.53 18.16 -0.51
N VAL B 267 -12.96 19.36 -0.56
CA VAL B 267 -12.48 19.92 -1.81
C VAL B 267 -11.45 19.01 -2.49
N ILE B 268 -10.60 18.37 -1.68
CA ILE B 268 -9.57 17.48 -2.20
C ILE B 268 -10.22 16.22 -2.78
N LYS B 269 -11.09 15.59 -1.99
CA LYS B 269 -11.78 14.38 -2.40
C LYS B 269 -12.53 14.55 -3.73
N LYS B 270 -13.23 15.68 -3.87
CA LYS B 270 -13.99 15.95 -5.09
C LYS B 270 -13.08 16.08 -6.31
N LEU B 271 -11.98 16.81 -6.15
CA LEU B 271 -11.03 17.02 -7.23
C LEU B 271 -10.42 15.72 -7.72
N SER B 272 -10.12 14.82 -6.78
CA SER B 272 -9.53 13.53 -7.11
C SER B 272 -10.53 12.61 -7.78
N ASP B 273 -11.81 12.80 -7.47
CA ASP B 273 -12.87 11.99 -8.06
C ASP B 273 -13.22 12.47 -9.46
N GLY B 274 -12.89 13.73 -9.75
CA GLY B 274 -13.17 14.28 -11.06
C GLY B 274 -14.18 15.41 -11.08
N GLN B 275 -14.89 15.60 -9.97
CA GLN B 275 -15.89 16.67 -9.90
C GLN B 275 -15.26 18.03 -10.14
N VAL B 276 -15.20 18.42 -11.41
CA VAL B 276 -14.63 19.70 -11.80
C VAL B 276 -15.73 20.70 -12.14
N GLY B 277 -15.60 21.92 -11.62
CA GLY B 277 -16.60 22.94 -11.91
C GLY B 277 -17.22 23.60 -10.70
N GLY B 278 -18.41 24.17 -10.90
CA GLY B 278 -19.12 24.84 -9.83
C GLY B 278 -19.74 23.93 -8.80
N PHE B 279 -19.02 22.86 -8.46
CA PHE B 279 -19.48 21.90 -7.46
C PHE B 279 -18.52 21.95 -6.29
N ILE B 280 -17.26 22.22 -6.62
CA ILE B 280 -16.19 22.33 -5.63
C ILE B 280 -16.44 23.57 -4.78
N ASN B 281 -16.78 23.35 -3.51
CA ASN B 281 -17.11 24.42 -2.58
C ASN B 281 -15.95 25.13 -1.89
N TYR B 282 -15.08 25.78 -2.66
CA TYR B 282 -13.95 26.48 -2.03
C TYR B 282 -14.40 27.54 -1.03
N ARG B 283 -15.51 28.21 -1.35
CA ARG B 283 -16.03 29.27 -0.49
C ARG B 283 -16.53 28.85 0.89
N ASP B 284 -16.75 27.56 1.10
CA ASP B 284 -17.25 27.10 2.40
C ASP B 284 -16.36 27.37 3.60
N SER B 285 -15.24 28.06 3.38
CA SER B 285 -14.31 28.42 4.46
C SER B 285 -13.14 29.22 3.90
N LYS B 286 -12.56 30.07 4.75
CA LYS B 286 -11.45 30.93 4.37
C LYS B 286 -10.30 30.19 3.68
N LEU B 287 -9.69 29.25 4.41
CA LEU B 287 -8.58 28.48 3.90
C LEU B 287 -8.79 28.12 2.43
N THR B 288 -9.72 27.20 2.20
CA THR B 288 -10.07 26.72 0.86
C THR B 288 -10.32 27.85 -0.13
N ARG B 289 -10.77 28.99 0.37
CA ARG B 289 -11.06 30.14 -0.49
C ARG B 289 -9.76 30.78 -0.93
N ILE B 290 -8.91 31.13 0.04
CA ILE B 290 -7.63 31.76 -0.27
C ILE B 290 -6.77 30.86 -1.16
N LEU B 291 -6.48 29.66 -0.69
CA LEU B 291 -5.65 28.72 -1.43
C LEU B 291 -6.47 28.01 -2.48
N GLN B 292 -7.47 28.72 -2.99
CA GLN B 292 -8.36 28.21 -4.01
C GLN B 292 -7.60 27.71 -5.24
N ASN B 293 -6.58 28.44 -5.66
CA ASN B 293 -5.81 28.05 -6.84
C ASN B 293 -4.94 26.80 -6.59
N SER B 294 -4.29 26.75 -5.43
CA SER B 294 -3.45 25.62 -5.09
C SER B 294 -4.19 24.32 -5.29
N LEU B 295 -5.43 24.28 -4.82
CA LEU B 295 -6.27 23.09 -4.94
C LEU B 295 -6.79 22.93 -6.37
N GLY B 296 -5.92 22.45 -7.26
CA GLY B 296 -6.32 22.27 -8.65
C GLY B 296 -6.34 23.60 -9.37
N GLY B 297 -5.19 23.96 -9.96
CA GLY B 297 -5.10 25.23 -10.67
C GLY B 297 -3.77 25.42 -11.37
N ASN B 298 -3.27 26.65 -11.41
CA ASN B 298 -2.01 26.99 -12.07
C ASN B 298 -0.76 26.81 -11.20
N ALA B 299 -1.02 26.31 -10.02
CA ALA B 299 -0.05 26.07 -8.92
C ALA B 299 0.92 24.87 -9.19
N LYS B 300 1.88 24.55 -8.27
CA LYS B 300 2.65 23.28 -8.46
C LYS B 300 2.51 23.03 -6.95
N THR B 301 1.69 22.09 -6.55
CA THR B 301 1.51 21.82 -5.13
C THR B 301 2.18 20.55 -4.64
N ARG B 302 2.59 20.56 -3.38
CA ARG B 302 3.24 19.43 -2.72
C ARG B 302 2.66 19.38 -1.33
N ILE B 303 2.41 18.19 -0.81
CA ILE B 303 1.83 18.08 0.52
C ILE B 303 2.68 17.13 1.34
N ILE B 304 3.21 17.62 2.45
CA ILE B 304 4.04 16.81 3.31
C ILE B 304 3.16 16.26 4.43
N CYS B 305 2.77 15.00 4.31
CA CYS B 305 1.90 14.38 5.31
C CYS B 305 2.65 13.86 6.49
N THR B 306 2.32 14.44 7.62
CA THR B 306 3.01 14.09 8.82
C THR B 306 2.41 13.05 9.69
N ILE B 307 3.26 12.12 10.06
CA ILE B 307 2.75 11.00 10.80
C ILE B 307 3.62 10.50 11.95
N THR B 308 2.93 9.95 12.94
CA THR B 308 3.58 9.36 14.09
C THR B 308 3.18 7.87 14.15
N PRO B 309 4.18 6.98 14.12
CA PRO B 309 3.98 5.52 14.15
C PRO B 309 3.31 4.94 15.38
N VAL B 310 3.27 5.71 16.47
CA VAL B 310 2.64 5.21 17.69
C VAL B 310 1.15 5.54 17.70
N SER B 311 0.67 6.10 16.61
CA SER B 311 -0.74 6.45 16.47
C SER B 311 -1.38 5.61 15.37
N PHE B 312 -2.59 5.13 15.63
CA PHE B 312 -3.30 4.34 14.63
C PHE B 312 -4.44 5.10 13.94
N ASP B 313 -5.43 5.53 14.72
CA ASP B 313 -6.59 6.26 14.18
C ASP B 313 -6.26 7.56 13.46
N GLU B 314 -5.44 8.41 14.08
CA GLU B 314 -5.06 9.67 13.46
C GLU B 314 -4.22 9.41 12.21
N THR B 315 -3.17 8.62 12.37
CA THR B 315 -2.30 8.24 11.26
C THR B 315 -3.12 7.75 10.06
N LEU B 316 -4.08 6.89 10.34
CA LEU B 316 -4.95 6.33 9.30
C LEU B 316 -5.67 7.42 8.54
N THR B 317 -6.32 8.32 9.27
CA THR B 317 -7.07 9.41 8.67
C THR B 317 -6.15 10.25 7.79
N ALA B 318 -5.00 10.60 8.34
CA ALA B 318 -4.03 11.39 7.60
C ALA B 318 -3.64 10.66 6.33
N LEU B 319 -3.20 9.41 6.48
CA LEU B 319 -2.80 8.62 5.32
C LEU B 319 -3.88 8.54 4.26
N GLN B 320 -5.14 8.48 4.68
CA GLN B 320 -6.23 8.41 3.70
C GLN B 320 -6.33 9.74 2.95
N PHE B 321 -6.10 10.84 3.66
CA PHE B 321 -6.14 12.17 3.05
C PHE B 321 -4.99 12.30 2.05
N ALA B 322 -3.77 12.11 2.53
CA ALA B 322 -2.58 12.20 1.70
C ALA B 322 -2.72 11.26 0.52
N SER B 323 -3.28 10.08 0.77
CA SER B 323 -3.47 9.11 -0.28
C SER B 323 -4.43 9.65 -1.34
N THR B 324 -5.44 10.41 -0.91
CA THR B 324 -6.41 10.97 -1.83
C THR B 324 -5.84 12.15 -2.62
N ALA B 325 -4.96 12.91 -1.98
CA ALA B 325 -4.36 14.07 -2.62
C ALA B 325 -3.47 13.74 -3.83
N LYS B 326 -2.96 12.52 -3.87
CA LYS B 326 -2.08 12.12 -4.97
C LYS B 326 -2.69 12.30 -6.36
N TYR B 327 -4.01 12.21 -6.46
CA TYR B 327 -4.65 12.33 -7.77
C TYR B 327 -5.21 13.70 -8.14
N MET B 328 -4.94 14.70 -7.32
CA MET B 328 -5.42 16.05 -7.64
C MET B 328 -4.64 16.45 -8.89
N LYS B 329 -5.34 16.96 -9.89
CA LYS B 329 -4.67 17.34 -11.14
C LYS B 329 -4.57 18.85 -11.33
N ASN B 330 -3.35 19.37 -11.16
CA ASN B 330 -3.09 20.80 -11.31
C ASN B 330 -2.46 21.07 -12.67
N THR B 331 -2.67 22.29 -13.16
CA THR B 331 -2.13 22.71 -14.46
C THR B 331 -1.32 24.00 -14.33
N PRO B 332 -0.06 23.90 -13.87
CA PRO B 332 0.78 25.08 -13.71
C PRO B 332 1.45 25.48 -15.02
N TYR B 333 1.69 26.77 -15.18
CA TYR B 333 2.34 27.30 -16.36
C TYR B 333 3.07 28.59 -16.01
N VAL B 334 4.08 28.95 -16.79
CA VAL B 334 4.85 30.16 -16.54
C VAL B 334 3.97 31.40 -16.74
N ASN B 335 3.83 32.20 -15.70
CA ASN B 335 3.00 33.40 -15.77
C ASN B 335 3.74 34.61 -16.34
N GLU B 336 3.20 35.15 -17.43
CA GLU B 336 3.77 36.33 -18.09
C GLU B 336 2.67 37.36 -18.31
N VAL B 337 3.00 38.63 -18.13
CA VAL B 337 2.03 39.71 -18.32
C VAL B 337 2.59 40.76 -19.27
N SER B 338 1.82 41.82 -19.52
CA SER B 338 2.22 42.90 -20.42
C SER B 338 3.61 43.45 -20.13
#